data_4AX8
#
_entry.id   4AX8
#
_cell.length_a   167.340
_cell.length_b   167.340
_cell.length_c   167.340
_cell.angle_alpha   90.00
_cell.angle_beta   90.00
_cell.angle_gamma   90.00
#
_symmetry.space_group_name_H-M   'I 2 3'
#
loop_
_entity.id
_entity.type
_entity.pdbx_description
1 polymer WBDD
2 non-polymer S-ADENOSYLMETHIONINE
3 non-polymer 'SULFATE ION'
4 non-polymer "ADENOSINE-5'-DIPHOSPHATE"
5 non-polymer 'CHLORIDE ION'
#
_entity_poly.entity_id   1
_entity_poly.type   'polypeptide(L)'
_entity_poly.pdbx_seq_one_letter_code
;MHHHHHHENLYFQGTKDLNTLVSELPEIYQTIFGHPEWDGDAARDCNQRLDLITEQYDNLSRALGRPLNVLDLGCAQGFF
SLSLASKGATIVGIDFQQENINVCRALAEENPDFAAEFRVGRIEEVIAALEEGEFDLAIGLSVFHHIVHLHGIDEVKRLL
SRLADVTQAVILELAVKEEPFYWGVSQPDDPRELIEQCAFYRLIGEFDTHLSPVPRPMYLVSNHRVLINDFNQPFQHWQN
QPYAGAGLAHKRSRRYFFGEDYVCKFFYYDMPHGILTAEESQRNKYELHNEIKFLTQPPAGFDAPAVLAHGENAQSGWLV
MEKLPGRLLSDMLAAGEEIDREKILGSLLRSLAALEKQGFWHDDVRPWNVMVDARQHARLIDFGSIVTTPQDCSWPTNLV
QSFFVFVNELFAENKSWNGFWRSAPVHPFNLPQPWSNWLYAVWQEPVERWNFVLLLALFEKKAKLPSAEQQRGATEQWII
AQETVLLELQSRVRNESAGSEALRGQIHTLEQQMAQLQSAQDAFVEKAQQQVEVSHELTWLGENMEQLAALLQTAQAHAQ
ADVQPELPP
;
_entity_poly.pdbx_strand_id   A
#
loop_
_chem_comp.id
_chem_comp.type
_chem_comp.name
_chem_comp.formula
ADP non-polymer ADENOSINE-5'-DIPHOSPHATE 'C10 H15 N5 O10 P2'
CL non-polymer 'CHLORIDE ION' 'Cl -1'
SAM non-polymer S-ADENOSYLMETHIONINE 'C15 H22 N6 O5 S'
SO4 non-polymer 'SULFATE ION' 'O4 S -2'
#
# COMPACT_ATOMS: atom_id res chain seq x y z
N ASP A 17 -31.62 -8.35 37.12
CA ASP A 17 -30.33 -8.02 37.76
C ASP A 17 -29.12 -8.54 37.01
N LEU A 18 -28.11 -7.71 37.07
CA LEU A 18 -26.87 -7.95 36.37
C LEU A 18 -26.28 -9.25 36.86
N ASN A 19 -26.32 -9.41 38.17
CA ASN A 19 -25.70 -10.61 38.80
C ASN A 19 -26.19 -11.90 38.20
N THR A 20 -27.48 -11.96 38.03
CA THR A 20 -28.10 -13.17 37.45
C THR A 20 -27.75 -13.33 35.96
N LEU A 21 -27.77 -12.22 35.25
CA LEU A 21 -27.47 -12.23 33.79
C LEU A 21 -26.04 -12.67 33.56
N VAL A 22 -25.15 -12.18 34.42
CA VAL A 22 -23.70 -12.54 34.35
C VAL A 22 -23.54 -14.02 34.63
N SER A 23 -24.27 -14.46 35.63
CA SER A 23 -24.23 -15.88 36.05
C SER A 23 -24.71 -16.74 34.93
N GLU A 24 -25.70 -16.30 34.20
CA GLU A 24 -26.19 -17.18 33.10
C GLU A 24 -25.39 -17.12 31.78
N LEU A 25 -24.37 -16.27 31.75
CA LEU A 25 -23.40 -16.29 30.65
C LEU A 25 -22.76 -17.64 30.56
N PRO A 26 -22.76 -18.26 29.38
CA PRO A 26 -22.00 -19.50 29.29
C PRO A 26 -20.55 -19.27 29.65
N GLU A 27 -20.06 -18.12 29.21
CA GLU A 27 -18.66 -17.74 29.51
C GLU A 27 -18.44 -16.27 29.75
N ILE A 28 -17.76 -15.94 30.83
CA ILE A 28 -17.35 -14.54 31.03
C ILE A 28 -16.06 -14.29 30.22
N TYR A 29 -16.24 -14.03 28.94
CA TYR A 29 -15.09 -13.91 28.04
C TYR A 29 -14.31 -12.60 28.33
N GLN A 30 -15.09 -11.55 28.49
CA GLN A 30 -14.55 -10.20 28.68
C GLN A 30 -14.83 -9.66 30.06
N THR A 31 -14.03 -8.66 30.37
CA THR A 31 -14.30 -7.74 31.47
C THR A 31 -15.75 -7.28 31.37
N ILE A 32 -16.43 -7.21 32.49
CA ILE A 32 -17.77 -6.61 32.57
C ILE A 32 -17.64 -5.10 32.83
N PHE A 33 -18.02 -4.35 31.81
CA PHE A 33 -17.90 -2.88 31.79
C PHE A 33 -18.49 -2.27 33.04
N GLY A 34 -17.68 -1.56 33.74
CA GLY A 34 -18.12 -0.87 34.98
C GLY A 34 -18.24 -1.71 36.24
N HIS A 35 -17.94 -2.97 36.11
CA HIS A 35 -18.09 -3.93 37.23
C HIS A 35 -16.86 -4.75 37.52
N PRO A 36 -15.90 -4.17 38.20
CA PRO A 36 -14.60 -4.81 38.37
C PRO A 36 -14.63 -6.04 39.27
N GLU A 37 -15.74 -6.24 39.95
CA GLU A 37 -15.89 -7.45 40.82
C GLU A 37 -15.74 -8.73 40.03
N TRP A 38 -15.96 -8.68 38.72
CA TRP A 38 -15.75 -9.85 37.82
C TRP A 38 -14.46 -9.87 37.00
N ASP A 39 -13.57 -8.95 37.29
CA ASP A 39 -12.31 -8.83 36.52
C ASP A 39 -11.47 -10.11 36.59
N GLY A 40 -11.43 -10.67 37.77
CA GLY A 40 -10.71 -11.93 38.02
C GLY A 40 -11.31 -13.12 37.26
N ASP A 41 -12.59 -13.05 37.02
CA ASP A 41 -13.30 -14.14 36.31
C ASP A 41 -13.21 -14.06 34.80
N ALA A 42 -12.84 -12.91 34.28
CA ALA A 42 -12.84 -12.71 32.81
C ALA A 42 -11.72 -13.49 32.18
N ALA A 43 -12.03 -14.23 31.11
CA ALA A 43 -11.00 -14.95 30.30
C ALA A 43 -9.93 -13.99 29.77
N ARG A 44 -10.37 -12.82 29.30
CA ARG A 44 -9.48 -11.77 28.76
C ARG A 44 -9.76 -10.41 29.35
N ASP A 45 -8.70 -9.70 29.66
CA ASP A 45 -8.81 -8.43 30.41
C ASP A 45 -9.24 -7.31 29.55
N CYS A 46 -8.81 -7.42 28.30
CA CYS A 46 -9.20 -6.48 27.22
C CYS A 46 -8.53 -5.13 27.27
N ASN A 47 -7.79 -4.84 28.31
CA ASN A 47 -7.11 -3.48 28.41
C ASN A 47 -6.10 -3.21 27.30
N GLN A 48 -5.39 -4.26 26.91
CA GLN A 48 -4.39 -4.12 25.83
C GLN A 48 -4.96 -3.88 24.46
N ARG A 49 -5.92 -4.70 24.12
CA ARG A 49 -6.63 -4.52 22.85
C ARG A 49 -7.37 -3.17 22.85
N LEU A 50 -7.96 -2.85 23.99
CA LEU A 50 -8.67 -1.58 24.13
C LEU A 50 -7.77 -0.37 23.87
N ASP A 51 -6.60 -0.38 24.49
CA ASP A 51 -5.64 0.71 24.30
C ASP A 51 -5.37 0.92 22.83
N LEU A 52 -5.15 -0.16 22.12
CA LEU A 52 -4.82 -0.05 20.69
C LEU A 52 -6.04 0.39 19.85
N ILE A 53 -7.18 -0.20 20.17
CA ILE A 53 -8.42 0.09 19.43
C ILE A 53 -8.84 1.56 19.61
N THR A 54 -8.70 2.07 20.82
CA THR A 54 -9.08 3.48 21.13
C THR A 54 -8.15 4.44 20.34
N GLU A 55 -6.90 4.06 20.25
CA GLU A 55 -5.89 4.85 19.48
CA GLU A 55 -5.90 4.87 19.51
C GLU A 55 -6.31 4.96 18.03
N GLN A 56 -6.71 3.84 17.47
CA GLN A 56 -7.15 3.79 16.06
C GLN A 56 -8.49 4.50 15.84
N TYR A 57 -9.39 4.30 16.78
CA TYR A 57 -10.65 5.09 16.79
C TYR A 57 -10.33 6.58 16.74
N ASP A 58 -9.48 7.04 17.62
CA ASP A 58 -9.12 8.47 17.71
C ASP A 58 -8.54 9.00 16.40
N ASN A 59 -7.63 8.22 15.87
CA ASN A 59 -7.01 8.57 14.59
C ASN A 59 -8.03 8.78 13.50
N LEU A 60 -8.94 7.84 13.41
CA LEU A 60 -9.96 7.87 12.33
C LEU A 60 -10.98 8.99 12.62
N SER A 61 -11.30 9.14 13.87
CA SER A 61 -12.29 10.16 14.27
C SER A 61 -11.73 11.55 13.99
N ARG A 62 -10.48 11.70 14.29
CA ARG A 62 -9.76 12.98 14.02
C ARG A 62 -9.79 13.26 12.52
N ALA A 63 -9.46 12.25 11.73
CA ALA A 63 -9.38 12.37 10.25
C ALA A 63 -10.70 12.77 9.63
N LEU A 64 -11.75 12.07 10.01
CA LEU A 64 -13.13 12.36 9.53
C LEU A 64 -13.77 13.62 10.21
N GLY A 65 -13.12 14.11 11.26
CA GLY A 65 -13.57 15.34 11.96
C GLY A 65 -14.82 15.22 12.83
N ARG A 66 -15.08 14.01 13.30
CA ARG A 66 -16.28 13.73 14.13
C ARG A 66 -16.28 12.35 14.83
N PRO A 67 -17.18 12.16 15.79
CA PRO A 67 -17.43 10.85 16.39
C PRO A 67 -17.92 9.86 15.36
N LEU A 68 -17.62 8.59 15.57
CA LEU A 68 -17.85 7.56 14.56
C LEU A 68 -19.09 6.70 14.85
N ASN A 69 -19.66 6.18 13.79
CA ASN A 69 -20.54 5.01 13.85
C ASN A 69 -19.73 3.74 13.75
N VAL A 70 -19.88 2.91 14.78
CA VAL A 70 -19.06 1.68 14.93
C VAL A 70 -19.92 0.45 14.99
N LEU A 71 -19.48 -0.55 14.26
CA LEU A 71 -20.09 -1.89 14.29
C LEU A 71 -19.16 -2.92 14.97
N ASP A 72 -19.70 -3.57 15.97
CA ASP A 72 -18.99 -4.56 16.79
C ASP A 72 -19.55 -5.96 16.56
N LEU A 73 -18.79 -6.71 15.81
CA LEU A 73 -19.15 -8.07 15.40
C LEU A 73 -18.69 -9.17 16.35
N GLY A 74 -19.67 -9.84 16.92
CA GLY A 74 -19.43 -10.87 17.98
C GLY A 74 -19.02 -10.13 19.25
N CYS A 75 -19.92 -9.26 19.69
CA CYS A 75 -19.61 -8.24 20.70
C CYS A 75 -19.52 -8.79 22.15
N ALA A 76 -19.87 -10.04 22.29
CA ALA A 76 -19.78 -10.79 23.58
C ALA A 76 -20.46 -10.03 24.70
N GLN A 77 -19.69 -9.62 25.71
CA GLN A 77 -20.23 -8.89 26.90
C GLN A 77 -20.17 -7.36 26.78
N GLY A 78 -19.85 -6.93 25.59
CA GLY A 78 -19.99 -5.52 25.23
C GLY A 78 -18.85 -4.58 25.62
N PHE A 79 -17.76 -5.18 26.02
CA PHE A 79 -16.68 -4.36 26.61
C PHE A 79 -16.17 -3.25 25.67
N PHE A 80 -15.92 -3.65 24.43
CA PHE A 80 -15.31 -2.72 23.44
C PHE A 80 -16.32 -1.71 22.96
N SER A 81 -17.51 -2.23 22.74
CA SER A 81 -18.66 -1.44 22.31
C SER A 81 -18.97 -0.33 23.31
N LEU A 82 -19.13 -0.73 24.56
CA LEU A 82 -19.44 0.23 25.65
C LEU A 82 -18.29 1.18 25.87
N SER A 83 -17.09 0.64 25.82
CA SER A 83 -15.88 1.49 26.01
C SER A 83 -15.80 2.60 24.93
N LEU A 84 -16.12 2.25 23.69
CA LEU A 84 -16.13 3.24 22.62
C LEU A 84 -17.31 4.20 22.71
N ALA A 85 -18.47 3.67 23.08
CA ALA A 85 -19.65 4.52 23.30
C ALA A 85 -19.35 5.61 24.37
N SER A 86 -18.55 5.20 25.31
CA SER A 86 -18.09 6.05 26.41
C SER A 86 -17.36 7.25 25.93
N LYS A 87 -16.64 7.08 24.85
CA LYS A 87 -15.82 8.16 24.23
C LYS A 87 -16.60 8.96 23.21
N GLY A 88 -17.89 8.70 23.13
CA GLY A 88 -18.75 9.42 22.17
C GLY A 88 -19.21 8.68 20.93
N ALA A 89 -18.73 7.47 20.75
CA ALA A 89 -19.09 6.71 19.53
C ALA A 89 -20.54 6.28 19.59
N THR A 90 -21.12 6.16 18.43
CA THR A 90 -22.43 5.51 18.28
C THR A 90 -22.16 4.09 17.85
N ILE A 91 -22.64 3.13 18.63
CA ILE A 91 -22.28 1.72 18.39
C ILE A 91 -23.45 0.78 18.20
N VAL A 92 -23.23 -0.19 17.36
CA VAL A 92 -24.10 -1.31 17.25
C VAL A 92 -23.27 -2.57 17.43
N GLY A 93 -23.74 -3.40 18.34
CA GLY A 93 -23.08 -4.67 18.67
C GLY A 93 -23.96 -5.84 18.34
N ILE A 94 -23.33 -6.84 17.77
CA ILE A 94 -24.02 -8.01 17.30
C ILE A 94 -23.40 -9.21 17.91
N ASP A 95 -24.25 -10.08 18.39
CA ASP A 95 -23.82 -11.39 18.89
C ASP A 95 -24.96 -12.41 18.73
N PHE A 96 -24.59 -13.64 18.42
CA PHE A 96 -25.65 -14.66 18.18
C PHE A 96 -26.12 -15.36 19.44
N GLN A 97 -25.58 -14.97 20.57
CA GLN A 97 -26.03 -15.45 21.90
C GLN A 97 -26.86 -14.46 22.65
N GLN A 98 -28.05 -14.94 22.97
CA GLN A 98 -29.07 -14.15 23.67
C GLN A 98 -28.56 -13.68 25.03
N GLU A 99 -27.90 -14.60 25.71
CA GLU A 99 -27.34 -14.29 27.06
C GLU A 99 -26.36 -13.14 27.04
N ASN A 100 -25.54 -13.13 26.00
CA ASN A 100 -24.52 -12.11 25.84
C ASN A 100 -25.17 -10.75 25.62
N ILE A 101 -26.12 -10.74 24.70
CA ILE A 101 -26.88 -9.50 24.37
C ILE A 101 -27.65 -9.01 25.58
N ASN A 102 -28.22 -9.93 26.34
CA ASN A 102 -28.93 -9.52 27.58
C ASN A 102 -28.02 -8.74 28.52
N VAL A 103 -26.80 -9.23 28.68
CA VAL A 103 -25.80 -8.54 29.56
C VAL A 103 -25.48 -7.16 28.98
N CYS A 104 -25.22 -7.14 27.66
CA CYS A 104 -24.87 -5.89 26.94
C CYS A 104 -25.94 -4.82 27.18
N ARG A 105 -27.19 -5.22 27.00
CA ARG A 105 -28.33 -4.26 27.16
C ARG A 105 -28.46 -3.71 28.58
N ALA A 106 -28.28 -4.65 29.51
CA ALA A 106 -28.26 -4.33 30.95
C ALA A 106 -27.17 -3.28 31.26
N LEU A 107 -25.99 -3.53 30.74
CA LEU A 107 -24.87 -2.57 30.94
C LEU A 107 -25.15 -1.22 30.30
N ALA A 108 -25.70 -1.28 29.11
CA ALA A 108 -26.07 -0.06 28.39
C ALA A 108 -27.05 0.81 29.22
N GLU A 109 -28.01 0.13 29.85
CA GLU A 109 -29.03 0.79 30.75
C GLU A 109 -28.44 1.50 31.93
N GLU A 110 -27.34 0.97 32.43
CA GLU A 110 -26.61 1.63 33.56
C GLU A 110 -25.84 2.87 33.08
N ASN A 111 -25.76 2.98 31.76
CA ASN A 111 -25.05 4.10 31.10
C ASN A 111 -25.96 4.71 30.01
N PRO A 112 -27.08 5.32 30.44
CA PRO A 112 -28.16 5.70 29.50
C PRO A 112 -27.75 6.72 28.45
N ASP A 113 -26.73 7.50 28.76
CA ASP A 113 -26.16 8.48 27.82
C ASP A 113 -25.31 7.88 26.66
N PHE A 114 -24.94 6.64 26.78
CA PHE A 114 -24.16 5.96 25.76
C PHE A 114 -25.08 5.63 24.61
N ALA A 115 -24.65 5.96 23.40
CA ALA A 115 -25.42 5.62 22.20
C ALA A 115 -25.11 4.22 21.74
N ALA A 116 -25.74 3.26 22.37
CA ALA A 116 -25.37 1.87 22.19
C ALA A 116 -26.56 0.96 21.97
N GLU A 117 -26.54 0.24 20.88
CA GLU A 117 -27.60 -0.71 20.58
CA GLU A 117 -27.59 -0.71 20.55
C GLU A 117 -27.01 -2.09 20.34
N PHE A 118 -27.79 -3.06 20.73
CA PHE A 118 -27.37 -4.42 20.63
C PHE A 118 -28.47 -5.24 20.02
N ARG A 119 -28.05 -6.20 19.22
CA ARG A 119 -28.96 -7.08 18.47
C ARG A 119 -28.46 -8.49 18.49
N VAL A 120 -29.38 -9.39 18.77
CA VAL A 120 -29.12 -10.81 18.61
C VAL A 120 -29.14 -11.07 17.11
N GLY A 121 -28.09 -11.65 16.59
CA GLY A 121 -28.00 -11.87 15.17
C GLY A 121 -26.75 -12.56 14.72
N ARG A 122 -26.82 -13.05 13.50
CA ARG A 122 -25.67 -13.72 12.87
CA ARG A 122 -25.67 -13.71 12.86
C ARG A 122 -24.86 -12.69 12.06
N ILE A 123 -23.54 -12.76 12.23
CA ILE A 123 -22.59 -11.86 11.52
C ILE A 123 -22.76 -11.94 10.02
N GLU A 124 -22.90 -13.17 9.57
CA GLU A 124 -23.10 -13.46 8.12
C GLU A 124 -24.25 -12.61 7.53
N GLU A 125 -25.39 -12.67 8.20
CA GLU A 125 -26.61 -11.95 7.76
C GLU A 125 -26.45 -10.43 7.88
N VAL A 126 -25.87 -9.98 8.97
CA VAL A 126 -25.73 -8.53 9.19
C VAL A 126 -24.87 -7.90 8.08
N ILE A 127 -23.75 -8.58 7.80
CA ILE A 127 -22.78 -8.10 6.74
C ILE A 127 -23.44 -8.01 5.36
N ALA A 128 -24.19 -9.05 5.03
CA ALA A 128 -24.96 -9.13 3.75
C ALA A 128 -25.87 -7.93 3.64
N ALA A 129 -26.48 -7.54 4.77
CA ALA A 129 -27.48 -6.45 4.77
C ALA A 129 -26.91 -5.03 4.93
N LEU A 130 -25.61 -4.93 5.12
CA LEU A 130 -25.06 -3.59 5.37
C LEU A 130 -25.20 -2.69 4.16
N GLU A 131 -25.36 -1.42 4.42
CA GLU A 131 -25.23 -0.38 3.37
C GLU A 131 -24.04 0.54 3.58
N GLU A 132 -23.46 0.89 2.46
CA GLU A 132 -22.31 1.77 2.48
C GLU A 132 -22.65 3.07 3.22
N GLY A 133 -21.74 3.49 4.10
CA GLY A 133 -21.87 4.76 4.90
C GLY A 133 -22.58 4.63 6.26
N GLU A 134 -23.23 3.50 6.42
CA GLU A 134 -24.01 3.19 7.63
C GLU A 134 -23.05 3.20 8.85
N PHE A 135 -21.91 2.54 8.66
CA PHE A 135 -20.84 2.50 9.70
C PHE A 135 -19.51 2.95 9.11
N ASP A 136 -18.79 3.75 9.90
CA ASP A 136 -17.41 4.19 9.57
C ASP A 136 -16.36 3.11 9.87
N LEU A 137 -16.55 2.46 11.01
CA LEU A 137 -15.57 1.49 11.59
C LEU A 137 -16.24 0.20 12.02
N ALA A 138 -15.65 -0.92 11.60
CA ALA A 138 -16.11 -2.22 12.08
C ALA A 138 -14.98 -2.92 12.81
N ILE A 139 -15.32 -3.53 13.94
CA ILE A 139 -14.35 -4.34 14.67
C ILE A 139 -14.84 -5.78 14.69
N GLY A 140 -13.92 -6.70 14.42
CA GLY A 140 -14.20 -8.16 14.41
C GLY A 140 -13.09 -8.93 15.11
N LEU A 141 -13.20 -9.04 16.43
CA LEU A 141 -12.07 -9.57 17.23
C LEU A 141 -12.32 -11.02 17.63
N SER A 142 -11.41 -11.89 17.19
CA SER A 142 -11.48 -13.33 17.53
C SER A 142 -12.88 -13.93 17.27
N VAL A 143 -13.44 -13.60 16.13
CA VAL A 143 -14.72 -14.15 15.71
C VAL A 143 -14.72 -14.88 14.34
N PHE A 144 -13.96 -14.37 13.39
CA PHE A 144 -14.06 -14.88 12.01
C PHE A 144 -13.62 -16.32 11.83
N HIS A 145 -12.77 -16.79 12.71
CA HIS A 145 -12.36 -18.20 12.67
C HIS A 145 -13.50 -19.14 12.84
N HIS A 146 -14.52 -18.70 13.55
CA HIS A 146 -15.76 -19.51 13.76
C HIS A 146 -16.49 -19.64 12.46
N ILE A 147 -16.42 -18.58 11.67
CA ILE A 147 -17.17 -18.50 10.37
C ILE A 147 -16.45 -19.32 9.31
N VAL A 148 -15.15 -19.27 9.39
CA VAL A 148 -14.27 -20.07 8.50
C VAL A 148 -14.54 -21.56 8.68
N HIS A 149 -14.60 -21.93 9.93
CA HIS A 149 -14.84 -23.34 10.37
C HIS A 149 -16.12 -23.91 9.83
N LEU A 150 -17.15 -23.09 9.76
CA LEU A 150 -18.46 -23.58 9.26
C LEU A 150 -18.69 -23.32 7.79
N HIS A 151 -18.19 -22.23 7.29
CA HIS A 151 -18.53 -21.80 5.91
C HIS A 151 -17.39 -21.74 4.92
N GLY A 152 -16.18 -21.92 5.41
CA GLY A 152 -14.97 -21.99 4.56
C GLY A 152 -14.32 -20.65 4.33
N ILE A 153 -13.14 -20.72 3.79
CA ILE A 153 -12.27 -19.54 3.56
C ILE A 153 -12.85 -18.53 2.55
N ASP A 154 -13.32 -19.05 1.43
CA ASP A 154 -13.85 -18.19 0.33
C ASP A 154 -15.06 -17.36 0.73
N GLU A 155 -15.98 -17.95 1.48
CA GLU A 155 -17.15 -17.16 1.95
C GLU A 155 -16.68 -16.05 2.91
N VAL A 156 -15.80 -16.42 3.81
CA VAL A 156 -15.26 -15.42 4.76
C VAL A 156 -14.55 -14.26 4.03
N LYS A 157 -13.75 -14.62 3.01
CA LYS A 157 -13.03 -13.59 2.18
C LYS A 157 -14.04 -12.61 1.59
N ARG A 158 -15.16 -13.15 1.10
CA ARG A 158 -16.27 -12.32 0.55
C ARG A 158 -16.92 -11.44 1.58
N LEU A 159 -17.15 -12.02 2.74
CA LEU A 159 -17.75 -11.24 3.87
C LEU A 159 -16.87 -10.07 4.21
N LEU A 160 -15.59 -10.38 4.35
CA LEU A 160 -14.58 -9.35 4.75
C LEU A 160 -14.40 -8.29 3.69
N SER A 161 -14.46 -8.73 2.44
CA SER A 161 -14.42 -7.79 1.29
C SER A 161 -15.57 -6.82 1.35
N ARG A 162 -16.74 -7.37 1.61
CA ARG A 162 -17.93 -6.53 1.64
C ARG A 162 -17.87 -5.57 2.84
N LEU A 163 -17.41 -6.12 3.95
CA LEU A 163 -17.28 -5.32 5.19
C LEU A 163 -16.41 -4.09 4.92
N ALA A 164 -15.28 -4.37 4.30
CA ALA A 164 -14.32 -3.33 3.89
C ALA A 164 -14.93 -2.34 2.92
N ASP A 165 -15.64 -2.88 1.95
CA ASP A 165 -16.33 -2.10 0.90
C ASP A 165 -17.28 -1.04 1.49
N VAL A 166 -17.99 -1.45 2.52
CA VAL A 166 -19.09 -0.59 3.10
C VAL A 166 -18.74 0.28 4.30
N THR A 167 -17.51 0.13 4.75
CA THR A 167 -16.97 0.92 5.89
C THR A 167 -15.73 1.71 5.47
N GLN A 168 -15.26 2.54 6.36
CA GLN A 168 -13.98 3.25 6.08
C GLN A 168 -12.77 2.43 6.50
N ALA A 169 -13.00 1.60 7.52
CA ALA A 169 -11.92 0.87 8.19
C ALA A 169 -12.45 -0.29 9.00
N VAL A 170 -11.61 -1.30 9.04
CA VAL A 170 -11.91 -2.55 9.72
C VAL A 170 -10.73 -3.00 10.57
N ILE A 171 -11.03 -3.34 11.81
CA ILE A 171 -10.03 -3.90 12.74
C ILE A 171 -10.40 -5.34 13.05
N LEU A 172 -9.45 -6.20 12.81
CA LEU A 172 -9.59 -7.64 13.02
C LEU A 172 -8.46 -8.20 13.90
N GLU A 173 -8.86 -9.00 14.85
CA GLU A 173 -7.95 -9.87 15.56
C GLU A 173 -8.31 -11.23 15.06
N LEU A 174 -7.30 -11.87 14.52
CA LEU A 174 -7.48 -13.15 13.81
C LEU A 174 -6.77 -14.30 14.47
N ALA A 175 -7.55 -15.33 14.74
CA ALA A 175 -7.01 -16.59 15.27
C ALA A 175 -6.20 -17.27 14.20
N VAL A 176 -5.29 -18.10 14.65
CA VAL A 176 -4.31 -18.72 13.77
C VAL A 176 -4.16 -20.23 13.93
N LYS A 177 -3.69 -20.86 12.87
CA LYS A 177 -3.64 -22.34 12.77
C LYS A 177 -2.71 -22.96 13.82
N GLU A 178 -1.72 -22.20 14.25
CA GLU A 178 -0.71 -22.71 15.23
C GLU A 178 -1.32 -22.90 16.63
N GLU A 179 -2.45 -22.25 16.83
CA GLU A 179 -3.16 -22.38 18.11
C GLU A 179 -3.52 -23.85 18.27
N PRO A 180 -3.39 -24.36 19.51
CA PRO A 180 -3.35 -25.80 19.72
C PRO A 180 -4.69 -26.54 19.71
N PHE A 181 -5.74 -25.80 19.38
CA PHE A 181 -7.09 -26.37 19.37
C PHE A 181 -7.49 -27.01 18.05
N TYR A 182 -8.44 -27.91 18.17
CA TYR A 182 -8.89 -28.78 17.04
C TYR A 182 -9.33 -27.95 15.82
N TRP A 183 -9.99 -26.81 16.06
CA TRP A 183 -10.52 -25.92 14.95
C TRP A 183 -9.42 -25.26 14.15
N GLY A 184 -8.23 -25.23 14.74
CA GLY A 184 -7.02 -24.69 14.08
C GLY A 184 -6.74 -25.34 12.73
N VAL A 185 -7.17 -26.60 12.64
CA VAL A 185 -6.94 -27.45 11.44
C VAL A 185 -7.73 -26.98 10.20
N SER A 186 -8.79 -26.22 10.43
CA SER A 186 -9.61 -25.65 9.31
C SER A 186 -9.09 -24.30 8.81
N GLN A 187 -8.18 -23.75 9.58
CA GLN A 187 -7.70 -22.38 9.35
C GLN A 187 -6.76 -22.31 8.18
N PRO A 188 -6.73 -21.14 7.50
CA PRO A 188 -5.78 -20.96 6.47
C PRO A 188 -4.42 -21.03 7.00
N ASP A 189 -3.53 -21.30 6.08
CA ASP A 189 -2.10 -21.39 6.37
C ASP A 189 -1.61 -20.15 7.13
N ASP A 190 -2.16 -19.03 6.69
CA ASP A 190 -1.81 -17.68 7.18
C ASP A 190 -3.06 -16.76 7.24
N PRO A 191 -3.22 -16.02 8.34
CA PRO A 191 -4.43 -15.26 8.49
C PRO A 191 -4.58 -14.18 7.42
N ARG A 192 -3.46 -13.77 6.87
CA ARG A 192 -3.48 -12.74 5.80
C ARG A 192 -4.25 -13.16 4.55
N GLU A 193 -4.38 -14.46 4.37
CA GLU A 193 -5.21 -14.98 3.28
C GLU A 193 -6.67 -14.52 3.34
N LEU A 194 -7.11 -14.13 4.51
CA LEU A 194 -8.52 -13.68 4.68
C LEU A 194 -8.69 -12.23 4.30
N ILE A 195 -7.59 -11.50 4.23
CA ILE A 195 -7.67 -10.04 4.01
C ILE A 195 -6.91 -9.43 2.84
N GLU A 196 -6.04 -10.24 2.24
CA GLU A 196 -5.09 -9.73 1.21
C GLU A 196 -5.82 -9.28 -0.08
N GLN A 197 -7.01 -9.81 -0.27
CA GLN A 197 -7.91 -9.32 -1.35
C GLN A 197 -8.37 -7.89 -1.14
N CYS A 198 -8.23 -7.43 0.08
CA CYS A 198 -8.59 -6.02 0.37
C CYS A 198 -7.43 -5.13 -0.03
N ALA A 199 -7.74 -3.89 -0.31
CA ALA A 199 -6.76 -2.92 -0.85
C ALA A 199 -5.59 -2.66 0.07
N PHE A 200 -5.93 -2.22 1.25
CA PHE A 200 -4.96 -1.78 2.28
C PHE A 200 -5.02 -2.62 3.54
N TYR A 201 -3.86 -3.10 3.96
CA TYR A 201 -3.73 -3.75 5.27
C TYR A 201 -2.34 -3.61 5.93
N ARG A 202 -2.40 -3.47 7.25
CA ARG A 202 -1.22 -3.30 8.17
C ARG A 202 -1.38 -4.11 9.44
N LEU A 203 -0.35 -4.82 9.82
CA LEU A 203 -0.29 -5.38 11.19
C LEU A 203 -0.20 -4.24 12.21
N ILE A 204 -1.12 -4.17 13.17
CA ILE A 204 -1.04 -3.10 14.20
C ILE A 204 -0.73 -3.60 15.62
N GLY A 205 -0.80 -4.89 15.82
CA GLY A 205 -0.39 -5.45 17.09
C GLY A 205 -0.55 -6.95 17.16
N GLU A 206 -0.12 -7.50 18.28
CA GLU A 206 -0.17 -8.95 18.53
C GLU A 206 -0.51 -9.16 20.00
N PHE A 207 -1.42 -10.05 20.26
CA PHE A 207 -1.98 -10.19 21.61
C PHE A 207 -1.93 -11.59 22.16
N ASP A 208 -1.57 -11.65 23.44
CA ASP A 208 -1.64 -12.89 24.22
C ASP A 208 -3.12 -13.18 24.57
N THR A 209 -3.55 -14.37 24.19
CA THR A 209 -4.97 -14.73 24.37
C THR A 209 -5.25 -15.37 25.71
N HIS A 210 -4.17 -15.76 26.36
CA HIS A 210 -4.19 -16.59 27.60
C HIS A 210 -4.83 -17.94 27.45
N LEU A 211 -5.07 -18.34 26.22
CA LEU A 211 -5.51 -19.73 25.90
C LEU A 211 -4.33 -20.63 25.61
N SER A 212 -3.26 -20.01 25.19
CA SER A 212 -2.04 -20.71 24.76
C SER A 212 -0.92 -19.70 24.55
N PRO A 213 0.28 -20.17 24.22
CA PRO A 213 1.38 -19.25 24.01
C PRO A 213 1.37 -18.57 22.65
N VAL A 214 0.49 -19.01 21.79
CA VAL A 214 0.42 -18.44 20.42
C VAL A 214 -0.43 -17.15 20.38
N PRO A 215 0.18 -16.01 20.00
CA PRO A 215 -0.55 -14.79 19.95
C PRO A 215 -1.35 -14.62 18.66
N ARG A 216 -2.26 -13.69 18.74
CA ARG A 216 -3.12 -13.34 17.61
C ARG A 216 -2.76 -11.97 17.12
N PRO A 217 -2.53 -11.88 15.82
CA PRO A 217 -2.33 -10.62 15.19
C PRO A 217 -3.62 -9.84 15.03
N MET A 218 -3.44 -8.56 15.14
CA MET A 218 -4.48 -7.58 14.94
C MET A 218 -4.09 -6.77 13.72
N TYR A 219 -5.02 -6.74 12.77
CA TYR A 219 -4.87 -6.06 11.48
C TYR A 219 -5.84 -4.96 11.30
N LEU A 220 -5.32 -3.93 10.68
CA LEU A 220 -6.09 -2.76 10.29
C LEU A 220 -6.26 -2.85 8.78
N VAL A 221 -7.48 -2.82 8.33
CA VAL A 221 -7.80 -3.10 6.90
C VAL A 221 -8.74 -2.06 6.32
N SER A 222 -8.49 -1.69 5.07
CA SER A 222 -9.36 -0.69 4.38
C SER A 222 -9.43 -0.86 2.89
N ASN A 223 -10.61 -0.60 2.37
CA ASN A 223 -10.80 -0.55 0.90
C ASN A 223 -10.94 0.86 0.36
N HIS A 224 -10.75 1.84 1.21
CA HIS A 224 -11.01 3.27 0.89
C HIS A 224 -10.01 4.26 1.36
N ARG A 225 -9.21 3.86 2.32
CA ARG A 225 -8.25 4.80 2.96
C ARG A 225 -6.86 4.21 3.17
N VAL A 226 -5.89 5.07 3.02
CA VAL A 226 -4.55 4.80 3.52
C VAL A 226 -4.58 5.15 4.99
N LEU A 227 -4.28 4.15 5.81
CA LEU A 227 -4.37 4.27 7.28
C LEU A 227 -3.05 4.04 7.91
N ILE A 228 -2.31 5.12 8.02
CA ILE A 228 -0.92 5.14 8.51
C ILE A 228 -0.93 6.17 9.62
N ASN A 229 -0.24 5.89 10.73
CA ASN A 229 -0.51 6.62 12.02
C ASN A 229 -0.33 8.13 11.81
N ASP A 230 0.55 8.42 10.88
CA ASP A 230 0.95 9.79 10.50
C ASP A 230 0.14 10.44 9.35
N PHE A 231 -0.60 9.62 8.67
CA PHE A 231 -1.24 9.98 7.38
C PHE A 231 -2.49 9.15 7.13
N ASN A 232 -3.60 9.83 7.15
CA ASN A 232 -4.89 9.15 7.11
C ASN A 232 -5.81 9.85 6.11
N GLN A 233 -5.93 9.23 4.96
CA GLN A 233 -6.55 9.86 3.78
C GLN A 233 -7.21 8.90 2.88
N PRO A 234 -8.25 9.34 2.19
CA PRO A 234 -8.86 8.47 1.20
C PRO A 234 -7.96 8.36 0.02
N PHE A 235 -8.13 7.26 -0.67
CA PHE A 235 -7.47 7.03 -1.98
C PHE A 235 -8.55 6.68 -2.99
N GLN A 236 -8.34 7.00 -4.26
CA GLN A 236 -9.39 6.74 -5.28
C GLN A 236 -9.20 5.47 -6.06
N HIS A 237 -7.97 5.05 -6.24
CA HIS A 237 -7.73 3.67 -6.79
C HIS A 237 -6.33 3.17 -6.39
N TRP A 238 -6.05 1.87 -6.43
CA TRP A 238 -4.73 1.28 -6.05
C TRP A 238 -4.36 0.18 -7.01
N GLN A 239 -3.11 -0.22 -7.00
CA GLN A 239 -2.69 -1.36 -7.85
C GLN A 239 -1.65 -2.17 -7.18
N ASN A 240 -1.62 -3.42 -7.61
CA ASN A 240 -0.70 -4.41 -7.06
C ASN A 240 0.55 -4.59 -7.90
N GLN A 241 0.65 -3.80 -8.94
CA GLN A 241 1.85 -3.81 -9.83
C GLN A 241 2.20 -2.40 -10.25
N PRO A 242 3.49 -2.16 -10.54
CA PRO A 242 3.90 -0.77 -10.75
C PRO A 242 3.34 -0.14 -12.04
N TYR A 243 3.06 -0.97 -13.02
CA TYR A 243 2.59 -0.49 -14.34
C TYR A 243 1.93 -1.60 -15.16
N ALA A 244 1.03 -1.19 -16.05
CA ALA A 244 0.45 -2.12 -17.04
C ALA A 244 1.59 -2.91 -17.71
N GLY A 245 1.46 -4.23 -17.65
CA GLY A 245 2.44 -5.15 -18.25
C GLY A 245 3.73 -5.45 -17.45
N ALA A 246 3.71 -5.13 -16.17
CA ALA A 246 4.85 -5.43 -15.24
C ALA A 246 5.01 -6.93 -14.93
N GLY A 247 3.96 -7.68 -15.20
CA GLY A 247 3.90 -9.08 -14.77
C GLY A 247 3.94 -9.23 -13.24
N LEU A 248 4.74 -10.21 -12.82
CA LEU A 248 4.90 -10.62 -11.38
C LEU A 248 6.30 -10.39 -10.78
N ALA A 249 7.02 -9.41 -11.32
CA ALA A 249 8.45 -9.13 -10.96
C ALA A 249 8.70 -9.08 -9.43
N HIS A 250 7.78 -8.43 -8.74
CA HIS A 250 7.93 -8.19 -7.27
C HIS A 250 7.03 -9.08 -6.44
N LYS A 251 6.55 -10.10 -7.13
CA LYS A 251 5.73 -11.14 -6.50
C LYS A 251 4.57 -10.58 -5.69
N ARG A 252 4.04 -9.46 -6.17
CA ARG A 252 2.86 -8.79 -5.53
C ARG A 252 3.08 -8.20 -4.10
N SER A 253 4.33 -8.12 -3.65
CA SER A 253 4.70 -7.60 -2.30
C SER A 253 4.71 -6.06 -2.22
N ARG A 254 4.33 -5.46 -3.32
CA ARG A 254 4.28 -4.00 -3.39
C ARG A 254 2.91 -3.53 -3.82
N ARG A 255 2.42 -2.52 -3.12
CA ARG A 255 1.12 -1.94 -3.44
C ARG A 255 1.21 -0.47 -3.58
N TYR A 256 0.40 0.07 -4.48
CA TYR A 256 0.38 1.53 -4.75
C TYR A 256 -1.01 2.10 -4.61
N PHE A 257 -1.09 3.18 -3.88
CA PHE A 257 -2.38 3.85 -3.63
C PHE A 257 -2.30 5.29 -4.14
N PHE A 258 -3.34 5.65 -4.88
CA PHE A 258 -3.42 6.98 -5.50
C PHE A 258 -4.57 7.78 -4.98
N GLY A 259 -4.21 8.88 -4.35
CA GLY A 259 -5.18 9.83 -3.78
C GLY A 259 -5.11 11.17 -4.50
N GLU A 260 -5.80 12.15 -3.94
CA GLU A 260 -6.08 13.44 -4.63
C GLU A 260 -4.79 14.14 -5.08
N ASP A 261 -3.88 14.30 -4.13
CA ASP A 261 -2.58 14.91 -4.42
C ASP A 261 -1.39 14.05 -3.93
N TYR A 262 -1.62 12.75 -3.82
CA TYR A 262 -0.58 11.82 -3.28
C TYR A 262 -0.54 10.46 -3.93
N VAL A 263 0.65 9.90 -3.86
CA VAL A 263 0.87 8.48 -4.13
C VAL A 263 1.56 7.87 -2.91
N CYS A 264 1.01 6.74 -2.52
CA CYS A 264 1.54 5.96 -1.41
C CYS A 264 2.03 4.68 -1.95
N LYS A 265 3.30 4.47 -1.69
CA LYS A 265 3.96 3.21 -2.02
C LYS A 265 4.02 2.42 -0.73
N PHE A 266 3.49 1.23 -0.75
CA PHE A 266 3.49 0.33 0.42
C PHE A 266 4.17 -0.96 0.07
N PHE A 267 5.31 -1.16 0.67
CA PHE A 267 6.09 -2.42 0.48
C PHE A 267 6.03 -3.40 1.65
N TYR A 268 5.69 -4.63 1.33
CA TYR A 268 5.77 -5.72 2.30
C TYR A 268 7.15 -6.33 2.29
N TYR A 269 7.72 -6.40 3.47
CA TYR A 269 9.01 -7.08 3.74
C TYR A 269 8.81 -8.55 4.09
N ASP A 270 7.67 -8.78 4.71
CA ASP A 270 7.22 -10.11 5.22
C ASP A 270 6.14 -10.61 4.22
N MET A 271 6.26 -11.69 3.46
CA MET A 271 5.01 -12.15 2.83
C MET A 271 4.62 -13.54 3.34
N PRO A 272 3.32 -13.90 3.26
CA PRO A 272 2.91 -15.28 3.55
C PRO A 272 3.53 -16.26 2.58
N HIS A 273 3.39 -17.53 2.91
CA HIS A 273 3.89 -18.65 2.08
C HIS A 273 5.39 -18.59 1.84
N GLY A 274 6.09 -17.82 2.67
CA GLY A 274 7.54 -17.57 2.50
C GLY A 274 8.03 -17.18 1.11
N ILE A 275 7.23 -16.45 0.32
CA ILE A 275 7.55 -16.30 -1.13
C ILE A 275 8.68 -15.28 -1.40
N LEU A 276 8.85 -14.39 -0.46
CA LEU A 276 9.84 -13.34 -0.59
C LEU A 276 11.19 -13.78 0.02
N THR A 277 12.19 -13.87 -0.82
CA THR A 277 13.55 -14.03 -0.42
C THR A 277 14.00 -12.91 0.24
N ALA A 278 14.59 -13.62 1.04
CA ALA A 278 15.42 -12.88 1.75
C ALA A 278 15.88 -11.74 0.83
N GLU A 279 16.45 -12.06 -0.32
CA GLU A 279 16.97 -11.01 -1.23
C GLU A 279 15.88 -10.01 -1.63
N GLU A 280 14.69 -10.52 -1.92
CA GLU A 280 13.57 -9.67 -2.39
C GLU A 280 13.12 -8.67 -1.30
N SER A 281 12.96 -9.18 -0.08
CA SER A 281 12.61 -8.33 1.12
C SER A 281 13.60 -7.23 1.26
N GLN A 282 14.84 -7.62 1.18
CA GLN A 282 15.94 -6.68 1.39
C GLN A 282 15.94 -5.61 0.29
N ARG A 283 15.53 -6.03 -0.91
CA ARG A 283 15.47 -5.09 -2.08
C ARG A 283 14.30 -4.12 -1.95
N ASN A 284 13.19 -4.65 -1.49
CA ASN A 284 12.02 -3.81 -1.11
C ASN A 284 12.44 -2.74 -0.07
N LYS A 285 13.13 -3.22 0.92
CA LYS A 285 13.65 -2.38 2.03
CA LYS A 285 13.66 -2.36 2.03
C LYS A 285 14.63 -1.34 1.48
N TYR A 286 15.53 -1.82 0.64
CA TYR A 286 16.63 -1.02 0.05
C TYR A 286 16.04 0.08 -0.87
N GLU A 287 15.20 -0.33 -1.81
CA GLU A 287 14.55 0.64 -2.75
C GLU A 287 13.82 1.72 -2.00
N LEU A 288 13.08 1.34 -0.98
CA LEU A 288 12.23 2.32 -0.30
C LEU A 288 13.11 3.27 0.47
N HIS A 289 14.06 2.68 1.11
CA HIS A 289 15.03 3.44 1.91
C HIS A 289 15.76 4.40 1.04
N ASN A 290 16.24 3.88 -0.06
CA ASN A 290 16.99 4.69 -1.05
C ASN A 290 16.17 5.88 -1.60
N GLU A 291 14.91 5.60 -1.80
CA GLU A 291 13.98 6.58 -2.38
CA GLU A 291 13.97 6.57 -2.37
C GLU A 291 13.73 7.71 -1.39
N ILE A 292 13.53 7.33 -0.15
CA ILE A 292 13.31 8.31 0.94
C ILE A 292 14.52 9.23 1.06
N LYS A 293 15.69 8.62 0.98
CA LYS A 293 16.96 9.36 1.17
C LYS A 293 17.11 10.50 0.18
N PHE A 294 16.89 10.12 -1.06
CA PHE A 294 16.96 11.03 -2.22
C PHE A 294 15.94 12.17 -2.12
N LEU A 295 14.70 11.80 -1.86
CA LEU A 295 13.57 12.76 -1.87
C LEU A 295 13.62 13.73 -0.70
N THR A 296 14.15 13.27 0.41
CA THR A 296 14.32 14.19 1.59
C THR A 296 15.47 15.16 1.40
N GLN A 297 16.41 14.77 0.55
CA GLN A 297 17.64 15.59 0.26
C GLN A 297 17.99 15.75 -1.22
N PRO A 298 17.11 16.37 -2.02
CA PRO A 298 17.26 16.26 -3.50
C PRO A 298 18.41 17.28 -4.01
N PRO A 299 19.03 17.33 -5.20
CA PRO A 299 20.08 18.35 -5.58
C PRO A 299 19.47 19.66 -6.04
N ALA A 300 20.12 20.77 -5.73
CA ALA A 300 19.59 22.11 -6.06
C ALA A 300 19.26 22.14 -7.55
N GLY A 301 18.12 22.74 -7.83
CA GLY A 301 17.67 22.97 -9.23
C GLY A 301 17.25 21.67 -9.89
N PHE A 302 16.47 20.91 -9.15
CA PHE A 302 15.90 19.66 -9.68
C PHE A 302 14.53 19.48 -9.05
N ASP A 303 13.53 19.52 -9.91
CA ASP A 303 12.16 19.48 -9.41
C ASP A 303 11.94 18.00 -9.16
N ALA A 304 11.99 17.65 -7.88
CA ALA A 304 11.68 16.29 -7.42
C ALA A 304 10.42 16.40 -6.58
N PRO A 305 9.55 15.36 -6.63
CA PRO A 305 8.35 15.37 -5.83
C PRO A 305 8.77 15.31 -4.35
N ALA A 306 7.89 15.72 -3.52
CA ALA A 306 7.96 16.01 -2.05
C ALA A 306 7.44 14.82 -1.19
N VAL A 307 8.00 14.72 0.00
CA VAL A 307 7.69 13.58 0.88
C VAL A 307 6.71 13.99 1.98
N LEU A 308 5.59 13.32 2.00
CA LEU A 308 4.50 13.67 2.95
C LEU A 308 4.50 12.82 4.21
N ALA A 309 5.07 11.63 4.07
CA ALA A 309 5.16 10.67 5.18
C ALA A 309 6.00 9.50 4.79
N HIS A 310 6.53 8.86 5.80
CA HIS A 310 7.26 7.60 5.60
C HIS A 310 7.51 6.86 6.88
N GLY A 311 7.75 5.58 6.74
CA GLY A 311 7.98 4.72 7.91
C GLY A 311 8.18 3.28 7.58
N GLU A 312 8.66 2.56 8.56
CA GLU A 312 9.03 1.17 8.40
C GLU A 312 8.72 0.51 9.69
N ASN A 313 8.43 -0.73 9.56
CA ASN A 313 8.38 -1.63 10.69
C ASN A 313 8.80 -3.06 10.26
N ALA A 314 8.58 -4.06 11.08
CA ALA A 314 9.19 -5.38 10.81
C ALA A 314 8.54 -6.01 9.59
N GLN A 315 7.29 -5.71 9.42
CA GLN A 315 6.47 -6.38 8.36
C GLN A 315 6.53 -5.70 7.01
N SER A 316 6.76 -4.41 7.07
CA SER A 316 6.58 -3.55 5.93
C SER A 316 7.12 -2.16 6.08
N GLY A 317 7.19 -1.49 4.96
CA GLY A 317 7.55 -0.06 4.91
C GLY A 317 6.70 0.69 3.90
N TRP A 318 6.68 1.99 4.08
CA TRP A 318 5.88 2.87 3.23
C TRP A 318 6.47 4.23 3.03
N LEU A 319 5.98 4.85 1.96
CA LEU A 319 6.37 6.21 1.55
C LEU A 319 5.21 6.87 0.89
N VAL A 320 4.83 8.03 1.41
CA VAL A 320 3.80 8.88 0.76
C VAL A 320 4.41 10.13 0.13
N MET A 321 4.20 10.27 -1.16
CA MET A 321 4.70 11.43 -1.96
C MET A 321 3.63 12.29 -2.57
N GLU A 322 4.03 13.49 -2.93
CA GLU A 322 3.26 14.37 -3.82
C GLU A 322 3.02 13.63 -5.11
N LYS A 323 1.86 13.83 -5.69
CA LYS A 323 1.52 13.19 -6.96
C LYS A 323 1.96 14.11 -8.06
N LEU A 324 2.45 13.54 -9.14
CA LEU A 324 2.87 14.36 -10.27
C LEU A 324 1.93 14.11 -11.40
N PRO A 325 1.63 15.16 -12.14
CA PRO A 325 0.63 15.00 -13.16
C PRO A 325 1.20 14.23 -14.31
N GLY A 326 0.29 13.66 -15.07
CA GLY A 326 0.59 13.08 -16.36
C GLY A 326 0.32 11.61 -16.43
N ARG A 327 0.67 11.02 -17.56
CA ARG A 327 0.65 9.56 -17.74
C ARG A 327 2.03 8.97 -17.91
N LEU A 328 2.11 7.73 -17.48
CA LEU A 328 3.29 6.90 -17.61
C LEU A 328 3.53 6.62 -19.10
N LEU A 329 4.77 6.81 -19.51
CA LEU A 329 5.12 6.81 -20.94
C LEU A 329 4.79 5.47 -21.59
N SER A 330 5.06 4.42 -20.85
CA SER A 330 4.90 3.04 -21.36
C SER A 330 3.46 2.71 -21.71
N ASP A 331 2.57 3.26 -20.91
CA ASP A 331 1.13 3.12 -21.18
C ASP A 331 0.79 3.82 -22.49
N MET A 332 1.24 5.05 -22.58
CA MET A 332 0.95 5.90 -23.76
C MET A 332 1.40 5.19 -25.03
N LEU A 333 2.58 4.62 -24.94
CA LEU A 333 3.18 3.85 -26.07
C LEU A 333 2.33 2.66 -26.45
N ALA A 334 1.96 1.93 -25.41
CA ALA A 334 1.19 0.66 -25.57
C ALA A 334 -0.20 0.96 -26.14
N ALA A 335 -0.85 1.92 -25.51
CA ALA A 335 -2.18 2.45 -25.89
C ALA A 335 -2.11 3.44 -27.06
N GLY A 336 -1.09 3.25 -27.90
CA GLY A 336 -0.86 4.04 -29.13
C GLY A 336 -1.19 5.53 -29.10
N GLU A 337 -1.15 6.11 -27.91
CA GLU A 337 -1.47 7.54 -27.70
C GLU A 337 -0.51 8.44 -28.50
N GLU A 338 -0.97 9.63 -28.84
CA GLU A 338 -0.11 10.57 -29.58
C GLU A 338 0.95 11.20 -28.68
N ILE A 339 2.18 11.11 -29.15
CA ILE A 339 3.32 11.65 -28.39
C ILE A 339 4.27 12.49 -29.21
N ASP A 340 4.84 13.45 -28.52
CA ASP A 340 5.89 14.34 -29.05
C ASP A 340 7.26 13.92 -28.57
N ARG A 341 7.88 13.11 -29.40
CA ARG A 341 9.16 12.48 -29.07
C ARG A 341 10.29 13.51 -28.86
N GLU A 342 10.22 14.58 -29.60
CA GLU A 342 11.20 15.68 -29.48
C GLU A 342 11.16 16.29 -28.08
N LYS A 343 9.95 16.54 -27.61
CA LYS A 343 9.73 17.29 -26.34
C LYS A 343 10.05 16.37 -25.15
N ILE A 344 9.59 15.15 -25.31
CA ILE A 344 9.89 14.11 -24.34
C ILE A 344 11.39 13.93 -24.15
N LEU A 345 12.10 13.73 -25.25
CA LEU A 345 13.58 13.48 -25.21
C LEU A 345 14.34 14.71 -24.74
N GLY A 346 13.93 15.83 -25.25
CA GLY A 346 14.58 17.11 -24.85
C GLY A 346 14.52 17.33 -23.33
N SER A 347 13.29 17.27 -22.83
CA SER A 347 13.01 17.51 -21.37
C SER A 347 13.75 16.49 -20.52
N LEU A 348 13.67 15.26 -20.95
CA LEU A 348 14.35 14.15 -20.22
C LEU A 348 15.89 14.31 -20.21
N LEU A 349 16.44 14.59 -21.37
CA LEU A 349 17.91 14.80 -21.52
C LEU A 349 18.36 15.98 -20.73
N ARG A 350 17.55 17.03 -20.76
CA ARG A 350 17.86 18.23 -19.93
C ARG A 350 17.99 17.84 -18.45
N SER A 351 17.07 17.04 -17.99
CA SER A 351 17.08 16.71 -16.53
C SER A 351 18.28 15.80 -16.22
N LEU A 352 18.56 14.87 -17.15
CA LEU A 352 19.71 13.91 -16.99
C LEU A 352 21.07 14.67 -16.98
N ALA A 353 21.17 15.65 -17.84
CA ALA A 353 22.39 16.42 -17.95
C ALA A 353 22.65 17.18 -16.65
N ALA A 354 21.56 17.71 -16.10
CA ALA A 354 21.63 18.58 -14.88
C ALA A 354 21.96 17.74 -13.65
N LEU A 355 21.29 16.58 -13.52
CA LEU A 355 21.64 15.55 -12.51
C LEU A 355 23.13 15.24 -12.56
N GLU A 356 23.61 14.96 -13.75
CA GLU A 356 25.00 14.52 -13.95
C GLU A 356 25.96 15.59 -13.45
N LYS A 357 25.64 16.81 -13.75
CA LYS A 357 26.48 17.94 -13.30
C LYS A 357 26.57 18.00 -11.75
N GLN A 358 25.50 17.57 -11.11
CA GLN A 358 25.42 17.52 -9.64
C GLN A 358 25.95 16.18 -9.09
N GLY A 359 26.50 15.37 -9.98
CA GLY A 359 27.09 14.07 -9.62
C GLY A 359 26.07 13.01 -9.30
N PHE A 360 24.95 13.10 -9.98
CA PHE A 360 23.85 12.11 -9.91
C PHE A 360 23.53 11.50 -11.27
N TRP A 361 23.30 10.20 -11.24
CA TRP A 361 22.80 9.44 -12.41
C TRP A 361 21.66 8.53 -12.07
N HIS A 362 20.90 8.18 -13.09
CA HIS A 362 19.71 7.30 -12.97
C HIS A 362 19.97 6.02 -13.72
N ASP A 363 19.88 4.94 -12.99
CA ASP A 363 20.38 3.62 -13.45
C ASP A 363 19.41 2.87 -14.36
N ASP A 364 18.24 3.42 -14.54
CA ASP A 364 17.16 2.63 -15.13
C ASP A 364 16.16 3.44 -15.95
N VAL A 365 16.68 4.12 -16.98
CA VAL A 365 15.82 5.00 -17.82
C VAL A 365 15.05 4.17 -18.82
N ARG A 366 13.79 3.94 -18.47
CA ARG A 366 12.84 3.09 -19.23
C ARG A 366 11.46 3.74 -19.30
N PRO A 367 10.60 3.31 -20.23
CA PRO A 367 9.30 3.98 -20.42
C PRO A 367 8.41 3.94 -19.20
N TRP A 368 8.55 2.88 -18.44
CA TRP A 368 7.75 2.68 -17.20
C TRP A 368 8.22 3.49 -16.03
N ASN A 369 9.28 4.24 -16.27
CA ASN A 369 9.90 5.12 -15.25
C ASN A 369 9.83 6.61 -15.61
N VAL A 370 9.10 6.84 -16.67
CA VAL A 370 8.94 8.19 -17.22
C VAL A 370 7.48 8.59 -17.25
N MET A 371 7.25 9.76 -16.70
CA MET A 371 5.94 10.38 -16.73
C MET A 371 5.88 11.64 -17.58
N VAL A 372 4.87 11.64 -18.42
CA VAL A 372 4.67 12.66 -19.44
C VAL A 372 3.40 13.41 -19.13
N ASP A 373 3.54 14.71 -18.94
CA ASP A 373 2.40 15.63 -18.69
C ASP A 373 1.67 16.04 -19.98
N ALA A 374 0.59 16.79 -19.81
CA ALA A 374 -0.29 17.22 -20.95
C ALA A 374 0.43 18.12 -21.97
N ARG A 375 1.45 18.84 -21.52
CA ARG A 375 2.30 19.63 -22.46
C ARG A 375 3.48 18.85 -23.07
N GLN A 376 3.39 17.54 -22.93
CA GLN A 376 4.42 16.59 -23.46
C GLN A 376 5.86 16.72 -22.89
N HIS A 377 5.97 17.40 -21.76
CA HIS A 377 7.21 17.42 -20.97
CA HIS A 377 7.19 17.45 -20.93
C HIS A 377 7.29 16.18 -20.12
N ALA A 378 8.48 15.61 -20.09
CA ALA A 378 8.71 14.33 -19.41
C ALA A 378 9.61 14.47 -18.19
N ARG A 379 9.35 13.62 -17.21
CA ARG A 379 10.21 13.49 -16.02
C ARG A 379 10.28 12.10 -15.47
N LEU A 380 11.36 11.87 -14.76
CA LEU A 380 11.61 10.60 -14.09
C LEU A 380 10.73 10.48 -12.88
N ILE A 381 10.29 9.26 -12.61
CA ILE A 381 9.41 9.02 -11.44
C ILE A 381 9.81 7.92 -10.54
N ASP A 382 10.88 7.22 -10.88
CA ASP A 382 11.35 6.24 -9.93
C ASP A 382 12.73 6.60 -9.50
N PHE A 383 12.90 6.88 -8.22
CA PHE A 383 14.20 7.30 -7.69
C PHE A 383 14.98 6.26 -6.89
N GLY A 384 14.42 5.06 -6.92
CA GLY A 384 15.09 3.85 -6.44
C GLY A 384 16.43 3.61 -7.12
N SER A 385 16.48 3.94 -8.41
CA SER A 385 17.64 3.65 -9.29
C SER A 385 18.67 4.79 -9.38
N ILE A 386 18.42 5.85 -8.64
CA ILE A 386 19.36 6.99 -8.59
C ILE A 386 20.65 6.63 -7.84
N VAL A 387 21.79 7.03 -8.39
CA VAL A 387 23.11 6.69 -7.80
C VAL A 387 24.06 7.88 -7.86
N THR A 388 25.13 7.76 -7.07
CA THR A 388 26.09 8.88 -6.84
C THR A 388 27.50 8.70 -7.38
N THR A 389 27.88 7.46 -7.58
CA THR A 389 29.26 7.15 -8.01
C THR A 389 29.30 6.01 -9.02
N PRO A 390 30.42 5.88 -9.74
CA PRO A 390 30.53 4.76 -10.66
C PRO A 390 30.42 3.41 -9.93
N SER A 394 34.92 2.32 -16.73
CA SER A 394 34.72 3.68 -17.16
C SER A 394 33.22 3.93 -17.26
N TRP A 395 32.88 5.20 -17.12
CA TRP A 395 31.54 5.63 -16.68
C TRP A 395 31.24 7.12 -16.82
N PRO A 396 30.02 7.49 -17.26
CA PRO A 396 28.76 6.77 -17.34
C PRO A 396 28.43 6.19 -18.68
N THR A 397 29.44 5.60 -19.27
CA THR A 397 29.36 5.23 -20.70
C THR A 397 28.24 4.19 -20.95
N ASN A 398 28.12 3.24 -20.04
CA ASN A 398 27.03 2.23 -20.06
C ASN A 398 25.63 2.87 -20.10
N LEU A 399 25.44 3.82 -19.22
CA LEU A 399 24.11 4.51 -19.12
C LEU A 399 23.76 5.23 -20.41
N VAL A 400 24.77 5.82 -21.03
CA VAL A 400 24.58 6.49 -22.34
C VAL A 400 24.13 5.46 -23.37
N GLN A 401 24.71 4.30 -23.27
CA GLN A 401 24.42 3.19 -24.20
C GLN A 401 22.94 2.79 -24.08
N SER A 402 22.53 2.48 -22.86
CA SER A 402 21.11 2.10 -22.62
C SER A 402 20.17 3.22 -23.07
N PHE A 403 20.62 4.45 -22.90
CA PHE A 403 19.76 5.58 -23.32
C PHE A 403 19.44 5.51 -24.79
N PHE A 404 20.33 4.88 -25.52
CA PHE A 404 20.11 4.71 -26.94
C PHE A 404 19.00 3.72 -27.20
N VAL A 405 18.97 2.70 -26.36
CA VAL A 405 17.92 1.66 -26.43
C VAL A 405 16.57 2.31 -26.16
N PHE A 406 16.52 2.94 -25.01
CA PHE A 406 15.37 3.81 -24.67
C PHE A 406 14.89 4.57 -25.90
N VAL A 407 15.84 5.26 -26.52
CA VAL A 407 15.50 6.13 -27.68
C VAL A 407 14.84 5.30 -28.77
N ASN A 408 15.44 4.16 -29.00
CA ASN A 408 14.96 3.28 -30.08
C ASN A 408 13.58 2.72 -29.77
N GLU A 409 13.41 2.31 -28.53
CA GLU A 409 12.08 1.77 -28.07
C GLU A 409 11.02 2.88 -28.13
N LEU A 410 11.40 4.06 -27.72
CA LEU A 410 10.52 5.26 -27.91
C LEU A 410 10.02 5.43 -29.36
N PHE A 411 10.82 4.99 -30.29
CA PHE A 411 10.35 4.81 -31.68
C PHE A 411 9.97 3.33 -31.78
N PHE A 429 17.55 0.32 -37.05
CA PHE A 429 16.15 -0.09 -37.14
C PHE A 429 15.29 1.20 -37.29
N ASN A 430 14.85 1.76 -36.16
CA ASN A 430 13.69 2.71 -36.17
C ASN A 430 13.90 4.24 -36.22
N LEU A 431 15.12 4.70 -36.43
CA LEU A 431 15.40 6.17 -36.23
C LEU A 431 15.44 6.98 -37.52
N PRO A 432 14.50 7.93 -37.68
CA PRO A 432 14.70 8.78 -38.81
C PRO A 432 15.77 9.83 -38.57
N GLN A 433 16.21 10.42 -39.67
CA GLN A 433 17.02 11.66 -39.65
C GLN A 433 16.15 12.73 -38.96
N PRO A 434 16.74 13.58 -38.11
CA PRO A 434 18.09 13.70 -37.62
C PRO A 434 18.46 12.98 -36.31
N TRP A 435 17.57 12.19 -35.80
CA TRP A 435 17.84 11.38 -34.62
C TRP A 435 18.95 10.40 -34.87
N SER A 436 18.91 9.82 -36.03
CA SER A 436 19.97 8.87 -36.44
C SER A 436 21.34 9.58 -36.54
N ASN A 437 21.29 10.80 -36.99
CA ASN A 437 22.50 11.60 -37.19
C ASN A 437 23.11 11.94 -35.90
N TRP A 438 22.24 12.26 -34.98
CA TRP A 438 22.59 12.51 -33.56
C TRP A 438 23.38 11.34 -32.96
N LEU A 439 22.78 10.17 -33.09
CA LEU A 439 23.36 8.93 -32.53
C LEU A 439 24.67 8.65 -33.19
N TYR A 440 24.68 8.82 -34.49
CA TYR A 440 25.91 8.57 -35.30
C TYR A 440 27.03 9.49 -34.82
N ALA A 441 26.67 10.74 -34.56
CA ALA A 441 27.66 11.72 -34.06
C ALA A 441 28.27 11.25 -32.76
N VAL A 442 27.42 10.70 -31.92
CA VAL A 442 27.88 10.35 -30.58
C VAL A 442 28.86 9.21 -30.71
N TRP A 443 28.50 8.33 -31.60
CA TRP A 443 29.27 7.08 -31.85
C TRP A 443 30.63 7.36 -32.36
N GLN A 444 30.79 8.46 -33.04
CA GLN A 444 32.15 8.88 -33.54
C GLN A 444 33.08 9.47 -32.44
N GLU A 445 32.52 9.70 -31.28
CA GLU A 445 33.27 10.28 -30.16
C GLU A 445 34.07 9.24 -29.40
N PRO A 446 35.29 9.58 -28.99
CA PRO A 446 35.94 8.69 -28.08
C PRO A 446 35.11 8.54 -26.83
N VAL A 447 35.17 7.34 -26.32
CA VAL A 447 34.34 6.89 -25.19
C VAL A 447 34.56 7.70 -23.88
N GLU A 448 35.80 8.14 -23.71
CA GLU A 448 36.11 9.04 -22.55
C GLU A 448 35.25 10.29 -22.57
N ARG A 449 34.67 10.61 -23.70
CA ARG A 449 33.87 11.85 -23.88
C ARG A 449 32.36 11.65 -23.64
N TRP A 450 31.95 10.42 -23.53
CA TRP A 450 30.52 10.09 -23.44
C TRP A 450 29.95 10.38 -22.10
N ASN A 451 28.96 11.23 -22.08
CA ASN A 451 28.17 11.51 -20.87
C ASN A 451 26.89 12.25 -21.28
N PHE A 452 26.10 12.62 -20.30
CA PHE A 452 24.78 13.18 -20.64
C PHE A 452 24.84 14.65 -21.11
N VAL A 453 25.86 15.34 -20.62
CA VAL A 453 26.09 16.73 -21.06
C VAL A 453 26.32 16.73 -22.59
N LEU A 454 27.11 15.76 -23.03
CA LEU A 454 27.51 15.63 -24.46
C LEU A 454 26.27 15.24 -25.30
N LEU A 455 25.57 14.27 -24.75
CA LEU A 455 24.39 13.71 -25.42
C LEU A 455 23.40 14.84 -25.67
N LEU A 456 23.21 15.65 -24.64
CA LEU A 456 22.26 16.78 -24.73
C LEU A 456 22.76 17.81 -25.75
N ALA A 457 24.03 18.15 -25.67
CA ALA A 457 24.61 19.18 -26.56
C ALA A 457 24.39 18.81 -28.02
N LEU A 458 24.70 17.57 -28.33
CA LEU A 458 24.59 17.10 -29.69
C LEU A 458 23.14 17.02 -30.08
N PHE A 459 22.30 16.64 -29.13
CA PHE A 459 20.82 16.55 -29.40
C PHE A 459 20.27 17.90 -29.86
N GLU A 460 20.70 18.93 -29.15
CA GLU A 460 20.29 20.29 -29.42
C GLU A 460 20.72 20.81 -30.77
N LYS A 461 21.76 20.22 -31.31
CA LYS A 461 22.29 20.66 -32.64
C LYS A 461 22.13 19.61 -33.72
N LYS A 462 21.22 18.70 -33.47
CA LYS A 462 21.08 17.51 -34.33
C LYS A 462 20.77 17.84 -35.77
N ALA A 463 20.05 18.92 -36.01
CA ALA A 463 19.67 19.27 -37.41
C ALA A 463 20.88 19.71 -38.25
N LYS A 464 21.93 20.09 -37.59
CA LYS A 464 23.14 20.57 -38.30
C LYS A 464 24.11 19.44 -38.65
N LEU A 465 23.94 18.34 -37.97
CA LEU A 465 24.94 17.26 -37.96
C LEU A 465 24.94 16.51 -39.30
N PRO A 466 26.09 15.95 -39.68
CA PRO A 466 26.13 15.16 -40.87
C PRO A 466 25.16 13.99 -40.88
N SER A 467 24.79 13.68 -42.09
CA SER A 467 23.92 12.58 -42.39
C SER A 467 24.60 11.22 -42.28
N ALA A 468 24.09 10.46 -41.34
CA ALA A 468 24.48 9.03 -41.05
C ALA A 468 24.40 8.12 -42.28
N GLU A 469 23.36 8.31 -43.08
CA GLU A 469 23.10 7.38 -44.22
C GLU A 469 24.17 7.50 -45.30
N GLN A 470 24.90 8.59 -45.22
CA GLN A 470 25.93 8.93 -46.22
C GLN A 470 27.25 8.34 -45.85
N GLN A 471 27.30 7.77 -44.66
CA GLN A 471 28.56 7.15 -44.12
C GLN A 471 28.51 5.63 -44.11
N ARG A 472 29.65 4.97 -43.89
CA ARG A 472 29.70 3.45 -43.78
C ARG A 472 28.85 3.02 -42.61
N GLY A 473 28.92 3.85 -41.59
CA GLY A 473 28.13 3.68 -40.34
C GLY A 473 28.58 2.37 -39.70
N ALA A 474 27.87 1.29 -39.95
CA ALA A 474 26.40 1.26 -40.09
C ALA A 474 25.97 0.54 -38.81
N THR A 475 26.96 0.40 -37.95
CA THR A 475 26.96 -0.66 -36.94
C THR A 475 26.21 -0.18 -35.73
N GLU A 476 26.43 1.09 -35.43
CA GLU A 476 25.78 1.72 -34.23
C GLU A 476 24.30 1.26 -34.27
N GLN A 477 23.76 1.30 -35.47
CA GLN A 477 22.35 0.95 -35.74
C GLN A 477 22.03 -0.52 -35.33
N TRP A 478 22.89 -1.41 -35.77
CA TRP A 478 22.66 -2.88 -35.61
C TRP A 478 22.84 -3.36 -34.20
N ILE A 479 23.73 -2.69 -33.51
CA ILE A 479 24.10 -3.03 -32.11
C ILE A 479 22.97 -2.73 -31.14
N ILE A 480 22.39 -1.58 -31.35
CA ILE A 480 21.31 -1.09 -30.49
C ILE A 480 20.04 -1.86 -30.81
N ALA A 481 19.87 -2.13 -32.09
CA ALA A 481 18.70 -2.90 -32.54
C ALA A 481 18.68 -4.26 -31.84
N GLN A 482 19.83 -4.88 -31.79
CA GLN A 482 19.98 -6.18 -31.08
C GLN A 482 19.81 -6.01 -29.58
N GLU A 483 20.44 -4.98 -29.05
CA GLU A 483 20.28 -4.59 -27.62
C GLU A 483 18.81 -4.43 -27.24
N THR A 484 18.11 -3.70 -28.10
CA THR A 484 16.69 -3.25 -27.91
C THR A 484 15.76 -4.47 -27.95
N VAL A 485 16.11 -5.43 -28.79
CA VAL A 485 15.45 -6.78 -28.80
C VAL A 485 15.84 -7.50 -27.55
N LEU A 486 17.10 -7.40 -27.23
CA LEU A 486 17.66 -8.09 -26.06
C LEU A 486 17.33 -7.35 -24.74
N SAM B . -15.11 -10.20 19.98
CA SAM B . -15.04 -10.48 21.41
C SAM B . -13.63 -10.31 21.96
O SAM B . -12.63 -10.74 21.30
OXT SAM B . -13.47 -9.78 23.09
CB SAM B . -15.55 -11.91 21.73
CG SAM B . -14.82 -13.07 21.05
SD SAM B . -15.60 -14.52 21.29
CE SAM B . -14.49 -15.80 21.25
C5' SAM B . -16.65 -14.76 20.03
C4' SAM B . -17.96 -13.99 20.13
O4' SAM B . -18.67 -13.96 18.89
C3' SAM B . -18.94 -14.67 21.06
O3' SAM B . -19.59 -13.58 21.72
C2' SAM B . -19.93 -15.45 20.21
O2' SAM B . -21.22 -15.48 20.82
C1' SAM B . -19.98 -14.60 18.98
N9 SAM B . -20.17 -15.24 17.67
C8 SAM B . -19.49 -16.26 17.15
N7 SAM B . -19.89 -16.54 15.87
C5 SAM B . -20.85 -15.63 15.59
C6 SAM B . -21.68 -15.32 14.42
N6 SAM B . -21.56 -16.08 13.31
N1 SAM B . -22.54 -14.29 14.50
C2 SAM B . -22.63 -13.54 15.61
N3 SAM B . -21.88 -13.78 16.70
C4 SAM B . -21.00 -14.77 16.75
HN1 SAM B . -15.98 -10.28 19.51
HN2 SAM B . -14.29 -9.94 19.48
HA SAM B . -15.68 -9.74 21.92
HB1 SAM B . -15.49 -12.06 22.82
HB2 SAM B . -16.61 -11.96 21.46
HG1 SAM B . -14.76 -12.87 19.96
HG2 SAM B . -13.80 -13.13 21.43
HE1 SAM B . -13.99 -15.82 20.26
HE2 SAM B . -13.73 -15.66 22.03
HE3 SAM B . -15.02 -16.75 21.41
H5'1 SAM B . -16.13 -14.47 19.10
H5'2 SAM B . -16.87 -15.83 19.95
H4' SAM B . -17.65 -12.99 20.47
H3' SAM B . -18.47 -15.36 21.77
HO3' SAM B . -19.87 -12.91 21.05
H2' SAM B . -19.66 -16.51 20.06
HO2' SAM B . -21.42 -14.58 21.20
H1' SAM B . -20.86 -13.96 19.12
H8 SAM B . -18.69 -16.80 17.69
HN61 SAM B . -22.12 -15.87 12.51
HN62 SAM B . -20.91 -16.84 13.29
H2 SAM B . -23.34 -12.71 15.63
S SO4 C . -6.38 -8.16 26.07
O1 SO4 C . -5.42 -8.90 25.20
O2 SO4 C . -7.54 -9.04 26.18
O3 SO4 C . -6.73 -6.79 25.55
O4 SO4 C . -5.81 -7.84 27.44
S SO4 D . 12.58 21.78 -19.07
O1 SO4 D . 13.75 22.23 -19.86
O2 SO4 D . 11.97 20.51 -19.52
O3 SO4 D . 11.45 22.73 -19.21
O4 SO4 D . 13.09 21.75 -17.66
PB ADP E . 8.54 0.58 -8.10
O1B ADP E . 7.53 -0.54 -8.10
O2B ADP E . 9.50 0.67 -6.89
O3B ADP E . 9.15 0.54 -9.49
PA ADP E . 7.60 3.04 -9.22
O1A ADP E . 8.04 2.28 -10.48
O2A ADP E . 8.19 4.39 -8.81
O3A ADP E . 7.73 2.01 -7.95
O5' ADP E . 6.06 3.34 -9.31
C5' ADP E . 5.31 2.32 -9.93
C4' ADP E . 4.08 3.09 -10.28
O4' ADP E . 3.88 4.09 -9.32
C3' ADP E . 4.32 3.81 -11.60
O3' ADP E . 3.75 3.03 -12.65
C2' ADP E . 3.57 5.11 -11.44
O2' ADP E . 2.27 4.97 -12.00
C1' ADP E . 3.37 5.25 -9.98
N9 ADP E . 4.02 6.42 -9.40
C8 ADP E . 5.13 6.36 -8.66
N7 ADP E . 5.46 7.58 -8.20
C5 ADP E . 4.50 8.42 -8.64
C6 ADP E . 4.22 9.85 -8.51
N6 ADP E . 5.06 10.64 -7.80
N1 ADP E . 3.12 10.34 -9.11
C2 ADP E . 2.28 9.55 -9.83
N3 ADP E . 2.48 8.23 -10.00
C4 ADP E . 3.56 7.64 -9.42
H5'1 ADP E . 5.82 1.90 -10.80
H5'2 ADP E . 5.09 1.48 -9.24
H4' ADP E . 3.23 2.40 -10.35
H3' ADP E . 5.38 3.96 -11.83
HO3' ADP E . 3.50 2.13 -12.30
H2' ADP E . 4.12 5.94 -11.92
HO2' ADP E . 2.22 4.13 -12.54
H1' ADP E . 2.28 5.36 -9.84
H8 ADP E . 5.69 5.43 -8.45
HN61 ADP E . 4.86 11.62 -7.72
HN62 ADP E . 5.87 10.26 -7.36
H2 ADP E . 1.40 10.00 -10.30
CL CL F . -10.61 -14.77 14.37
#